data_6TSZ
#
_entry.id   6TSZ
#
_cell.length_a   62.442
_cell.length_b   41.468
_cell.length_c   69.755
_cell.angle_alpha   90.000
_cell.angle_beta   113.063
_cell.angle_gamma   90.000
#
_symmetry.space_group_name_H-M   'P 1 21 1'
#
loop_
_entity.id
_entity.type
_entity.pdbx_description
1 polymer 'Serine/threonine-protein kinase ULK4'
2 non-polymer 'PHOSPHOTHIOPHOSPHORIC ACID-ADENYLATE ESTER'
3 water water
#
_entity_poly.entity_id   1
_entity_poly.type   'polypeptide(L)'
_entity_poly.pdbx_seq_one_letter_code
;GSHHHHHHSSGTENLYFQENFILYEEIGRGSKTVVYKGRRKGTINFVAILCTDKCKRPEITNWVRLTREIKHKNIVTFHE
WYETSNHLWLVVELCTGGSLKTVIAQDENLPEDVVREFGIDLISGLHHLHKLGILFCDISPRKILLEGPGTLKFSNFCLA
KVEGENLEEFFALVAAEEGGGDNGENVLKKSMKSRVKGSPVYTAPEVVRGADFSISSDLWSLGCLLYEMFSGKPPFFSES
ISELTEKILCEDPLPPIPKDSSRPKASSDFINLLDGLLQRDPQKRLTWTRLLQHSFWKKAFAGAD
;
_entity_poly.pdbx_strand_id   U
#
# COMPACT_ATOMS: atom_id res chain seq x y z
N ASN A 14 21.79 22.70 -1.88
CA ASN A 14 21.95 23.01 -0.47
C ASN A 14 21.32 21.92 0.38
N LEU A 15 21.89 21.68 1.55
CA LEU A 15 21.61 20.48 2.34
C LEU A 15 20.71 20.72 3.54
N TYR A 16 20.22 21.94 3.74
CA TYR A 16 19.47 22.27 4.95
C TYR A 16 17.97 22.31 4.63
N PHE A 17 17.20 21.44 5.29
CA PHE A 17 15.80 21.27 4.93
C PHE A 17 15.02 22.60 5.00
N GLN A 18 15.16 23.34 6.11
CA GLN A 18 14.36 24.55 6.29
C GLN A 18 14.75 25.67 5.33
N GLU A 19 15.92 25.56 4.68
CA GLU A 19 16.32 26.52 3.65
C GLU A 19 15.76 26.15 2.28
N ASN A 20 15.13 25.00 2.15
CA ASN A 20 14.63 24.54 0.87
C ASN A 20 13.13 24.38 0.83
N PHE A 21 12.46 24.25 1.98
CA PHE A 21 11.03 23.98 2.01
C PHE A 21 10.36 24.83 3.07
N ILE A 22 9.11 25.19 2.80
CA ILE A 22 8.25 25.88 3.75
C ILE A 22 7.17 24.90 4.20
N LEU A 23 6.85 24.92 5.49
CA LEU A 23 5.82 24.04 6.05
C LEU A 23 4.52 24.81 6.22
N TYR A 24 3.42 24.21 5.78
CA TYR A 24 2.12 24.73 6.16
C TYR A 24 1.49 23.78 7.18
N GLU A 25 0.20 23.51 7.05
CA GLU A 25 -0.52 22.80 8.11
C GLU A 25 -0.15 21.32 8.12
N GLU A 26 -0.25 20.73 9.31
CA GLU A 26 -0.18 19.27 9.41
C GLU A 26 -1.39 18.67 8.71
N ILE A 27 -1.16 17.61 7.94
CA ILE A 27 -2.24 16.97 7.19
C ILE A 27 -2.43 15.51 7.55
N GLY A 28 -1.55 14.92 8.35
CA GLY A 28 -1.74 13.53 8.71
C GLY A 28 -0.71 13.13 9.72
N ARG A 29 -0.88 11.90 10.22
CA ARG A 29 0.06 11.29 11.15
C ARG A 29 0.36 9.87 10.69
N GLY A 30 1.58 9.41 10.99
CA GLY A 30 1.94 8.02 10.76
C GLY A 30 2.70 7.49 11.97
N SER A 31 3.23 6.27 11.90
CA SER A 31 4.03 5.77 13.02
C SER A 31 5.31 6.60 13.12
N LYS A 32 5.48 7.26 14.28
CA LYS A 32 6.63 8.12 14.52
C LYS A 32 6.74 9.20 13.45
N THR A 33 5.60 9.68 12.96
CA THR A 33 5.59 10.53 11.78
C THR A 33 4.49 11.57 11.91
N VAL A 34 4.82 12.82 11.58
CA VAL A 34 3.83 13.87 11.35
C VAL A 34 4.01 14.33 9.91
N VAL A 35 2.89 14.45 9.19
CA VAL A 35 2.90 14.75 7.77
C VAL A 35 2.36 16.16 7.58
N TYR A 36 3.08 16.96 6.80
CA TYR A 36 2.73 18.35 6.54
C TYR A 36 2.48 18.59 5.07
N LYS A 37 1.63 19.57 4.77
CA LYS A 37 1.67 20.21 3.46
C LYS A 37 2.86 21.17 3.43
N GLY A 38 3.66 21.07 2.37
CA GLY A 38 4.82 21.94 2.24
C GLY A 38 4.98 22.43 0.82
N ARG A 39 6.02 23.23 0.63
CA ARG A 39 6.27 23.81 -0.68
C ARG A 39 7.77 24.04 -0.84
N ARG A 40 8.35 23.64 -1.98
CA ARG A 40 9.73 24.04 -2.25
C ARG A 40 9.80 25.55 -2.44
N LYS A 41 10.72 26.19 -1.72
CA LYS A 41 10.84 27.64 -1.76
C LYS A 41 11.09 28.13 -3.17
N GLY A 42 10.49 29.27 -3.51
CA GLY A 42 10.59 29.82 -4.85
C GLY A 42 9.86 29.03 -5.91
N THR A 43 8.97 28.14 -5.52
CA THR A 43 8.16 27.38 -6.47
C THR A 43 6.71 27.41 -6.04
N ILE A 44 5.87 26.91 -6.94
CA ILE A 44 4.46 26.68 -6.70
C ILE A 44 4.18 25.19 -6.49
N ASN A 45 5.22 24.41 -6.25
CA ASN A 45 5.10 22.96 -6.14
C ASN A 45 4.79 22.62 -4.69
N PHE A 46 3.52 22.36 -4.41
CA PHE A 46 3.13 21.88 -3.09
C PHE A 46 3.42 20.40 -3.00
N VAL A 47 3.81 19.97 -1.80
CA VAL A 47 4.28 18.59 -1.59
C VAL A 47 3.79 18.12 -0.23
N ALA A 48 3.87 16.80 -0.01
CA ALA A 48 3.67 16.21 1.30
C ALA A 48 5.04 16.02 1.93
N ILE A 49 5.18 16.41 3.20
CA ILE A 49 6.45 16.25 3.90
C ILE A 49 6.21 15.37 5.12
N LEU A 50 6.86 14.21 5.13
CA LEU A 50 6.74 13.25 6.22
C LEU A 50 7.86 13.54 7.19
N CYS A 51 7.52 14.13 8.34
CA CYS A 51 8.52 14.44 9.35
C CYS A 51 8.60 13.24 10.30
N THR A 52 9.77 12.63 10.38
CA THR A 52 9.93 11.27 10.86
C THR A 52 11.00 11.22 11.94
N ASP A 53 10.71 10.50 13.03
CA ASP A 53 11.74 10.13 14.00
C ASP A 53 12.88 9.39 13.31
N LYS A 54 14.12 9.65 13.74
CA LYS A 54 15.26 9.04 13.07
C LYS A 54 15.26 7.52 13.23
N CYS A 55 14.62 7.01 14.27
CA CYS A 55 14.51 5.56 14.45
C CYS A 55 13.83 4.89 13.27
N LYS A 56 13.10 5.64 12.44
CA LYS A 56 12.47 5.07 11.26
C LYS A 56 13.41 5.09 10.05
N ARG A 57 14.70 5.38 10.25
CA ARG A 57 15.62 5.42 9.11
C ARG A 57 15.62 4.16 8.23
N PRO A 58 15.56 2.93 8.75
CA PRO A 58 15.54 1.77 7.84
C PRO A 58 14.35 1.77 6.91
N GLU A 59 13.16 2.05 7.47
CA GLU A 59 11.94 2.10 6.67
C GLU A 59 12.01 3.19 5.60
N ILE A 60 12.52 4.38 5.96
CA ILE A 60 12.56 5.49 5.01
C ILE A 60 13.64 5.26 3.96
N THR A 61 14.80 4.75 4.37
CA THR A 61 15.83 4.36 3.40
C THR A 61 15.27 3.40 2.36
N ASN A 62 14.51 2.40 2.80
CA ASN A 62 13.95 1.41 1.88
C ASN A 62 13.00 2.07 0.88
N TRP A 63 12.04 2.81 1.39
CA TRP A 63 11.12 3.60 0.56
C TRP A 63 11.86 4.39 -0.53
N VAL A 64 12.87 5.18 -0.13
CA VAL A 64 13.62 5.97 -1.10
C VAL A 64 14.31 5.05 -2.11
N ARG A 65 15.07 4.05 -1.62
CA ARG A 65 15.84 3.26 -2.57
C ARG A 65 14.96 2.49 -3.54
N LEU A 66 13.71 2.19 -3.17
CA LEU A 66 12.85 1.46 -4.09
C LEU A 66 12.21 2.37 -5.13
N THR A 67 11.88 3.60 -4.77
CA THR A 67 11.02 4.45 -5.60
C THR A 67 11.73 5.65 -6.20
N ARG A 68 13.02 5.86 -5.90
CA ARG A 68 13.61 7.16 -6.17
C ARG A 68 13.62 7.48 -7.66
N GLU A 69 13.66 6.48 -8.54
CA GLU A 69 13.68 6.75 -9.97
C GLU A 69 12.34 6.48 -10.64
N ILE A 70 11.26 6.28 -9.88
CA ILE A 70 9.96 5.94 -10.45
C ILE A 70 9.19 7.22 -10.77
N LYS A 71 8.61 7.28 -11.96
CA LYS A 71 7.60 8.29 -12.29
C LYS A 71 6.42 7.55 -12.92
N HIS A 72 5.34 7.38 -12.16
CA HIS A 72 4.17 6.66 -12.63
C HIS A 72 2.94 7.27 -11.98
N LYS A 73 1.87 7.42 -12.76
CA LYS A 73 0.66 8.11 -12.29
C LYS A 73 0.08 7.49 -11.02
N ASN A 74 0.24 6.18 -10.84
CA ASN A 74 -0.38 5.49 -9.72
C ASN A 74 0.61 5.14 -8.62
N ILE A 75 1.73 5.86 -8.56
CA ILE A 75 2.74 5.69 -7.51
C ILE A 75 3.17 7.07 -7.04
N VAL A 76 3.13 7.29 -5.71
CA VAL A 76 3.54 8.58 -5.15
C VAL A 76 5.00 8.85 -5.49
N THR A 77 5.25 9.99 -6.14
CA THR A 77 6.59 10.30 -6.62
C THR A 77 7.49 10.72 -5.46
N PHE A 78 8.72 10.20 -5.46
CA PHE A 78 9.74 10.66 -4.52
C PHE A 78 10.36 11.96 -5.04
N HIS A 79 10.58 12.92 -4.14
CA HIS A 79 11.28 14.14 -4.52
C HIS A 79 12.60 14.32 -3.78
N GLU A 80 12.59 14.36 -2.45
CA GLU A 80 13.78 14.71 -1.67
C GLU A 80 13.74 13.99 -0.34
N TRP A 81 14.91 13.89 0.29
CA TRP A 81 15.08 13.27 1.60
C TRP A 81 16.11 14.10 2.36
N TYR A 82 15.72 14.65 3.52
CA TYR A 82 16.61 15.48 4.33
C TYR A 82 16.79 14.89 5.73
N GLU A 83 17.90 15.24 6.36
CA GLU A 83 18.11 14.93 7.78
C GLU A 83 18.57 16.20 8.48
N THR A 84 17.90 16.56 9.57
CA THR A 84 18.29 17.69 10.40
C THR A 84 18.71 17.15 11.76
N SER A 85 18.82 18.01 12.76
CA SER A 85 19.35 17.55 14.04
C SER A 85 18.45 16.49 14.66
N ASN A 86 17.13 16.65 14.56
CA ASN A 86 16.22 15.80 15.30
C ASN A 86 15.21 15.03 14.46
N HIS A 87 15.24 15.14 13.12
CA HIS A 87 14.23 14.44 12.33
C HIS A 87 14.81 14.04 10.97
N LEU A 88 14.11 13.09 10.33
CA LEU A 88 14.21 12.88 8.90
C LEU A 88 13.00 13.55 8.23
N TRP A 89 13.19 14.04 7.02
CA TRP A 89 12.13 14.71 6.28
C TRP A 89 12.05 14.05 4.91
N LEU A 90 10.97 13.30 4.66
CA LEU A 90 10.77 12.69 3.36
C LEU A 90 9.80 13.55 2.55
N VAL A 91 10.21 13.98 1.36
CA VAL A 91 9.44 14.91 0.53
C VAL A 91 8.91 14.15 -0.67
N VAL A 92 7.59 13.99 -0.76
CA VAL A 92 6.97 13.18 -1.80
C VAL A 92 5.79 13.95 -2.41
N GLU A 93 5.20 13.36 -3.44
CA GLU A 93 4.06 13.94 -4.12
C GLU A 93 2.87 14.08 -3.17
N LEU A 94 2.19 15.24 -3.22
CA LEU A 94 1.09 15.52 -2.33
C LEU A 94 -0.20 14.89 -2.84
N CYS A 95 -0.94 14.24 -1.94
CA CYS A 95 -2.20 13.59 -2.27
C CYS A 95 -3.26 14.16 -1.36
N THR A 96 -4.25 14.84 -1.94
CA THR A 96 -5.25 15.54 -1.15
C THR A 96 -6.59 14.82 -1.08
N GLY A 97 -6.76 13.73 -1.82
CA GLY A 97 -8.07 13.09 -1.90
C GLY A 97 -8.44 12.17 -0.77
N GLY A 98 -7.58 11.97 0.23
CA GLY A 98 -7.84 11.03 1.28
C GLY A 98 -7.35 9.63 0.93
N SER A 99 -7.35 8.76 1.94
CA SER A 99 -6.92 7.39 1.71
C SER A 99 -8.09 6.55 1.21
N LEU A 100 -7.75 5.42 0.59
CA LEU A 100 -8.79 4.51 0.14
C LEU A 100 -9.55 3.92 1.31
N LYS A 101 -8.88 3.73 2.46
CA LYS A 101 -9.58 3.36 3.68
C LYS A 101 -10.66 4.38 4.03
N THR A 102 -10.31 5.66 4.05
CA THR A 102 -11.31 6.70 4.31
C THR A 102 -12.46 6.67 3.29
N VAL A 103 -12.14 6.51 2.00
CA VAL A 103 -13.18 6.46 0.97
C VAL A 103 -14.14 5.30 1.22
N ILE A 104 -13.60 4.12 1.52
CA ILE A 104 -14.47 2.98 1.76
C ILE A 104 -15.32 3.19 3.02
N ALA A 105 -14.77 3.88 4.02
CA ALA A 105 -15.54 4.14 5.24
C ALA A 105 -16.62 5.20 5.02
N GLN A 106 -16.38 6.18 4.14
CA GLN A 106 -17.30 7.29 3.97
C GLN A 106 -18.35 7.05 2.89
N ASP A 107 -17.99 6.39 1.80
CA ASP A 107 -18.89 6.17 0.67
C ASP A 107 -19.45 4.77 0.75
N GLU A 108 -20.66 4.65 1.28
CA GLU A 108 -21.30 3.34 1.36
C GLU A 108 -21.65 2.86 -0.04
N ASN A 109 -21.44 1.56 -0.28
CA ASN A 109 -21.79 0.89 -1.53
C ASN A 109 -21.19 1.63 -2.74
N LEU A 110 -19.86 1.57 -2.83
CA LEU A 110 -19.16 2.01 -4.04
C LEU A 110 -19.67 1.24 -5.26
N PRO A 111 -20.16 1.91 -6.29
CA PRO A 111 -20.68 1.20 -7.46
C PRO A 111 -19.58 0.43 -8.19
N GLU A 112 -19.98 -0.63 -8.89
CA GLU A 112 -19.02 -1.49 -9.57
C GLU A 112 -18.20 -0.72 -10.59
N ASP A 113 -18.77 0.29 -11.24
CA ASP A 113 -17.97 1.00 -12.23
C ASP A 113 -16.84 1.78 -11.55
N VAL A 114 -17.06 2.31 -10.35
CA VAL A 114 -15.98 2.95 -9.60
C VAL A 114 -14.94 1.92 -9.17
N VAL A 115 -15.40 0.72 -8.79
CA VAL A 115 -14.48 -0.35 -8.41
C VAL A 115 -13.61 -0.73 -9.61
N ARG A 116 -14.19 -0.74 -10.81
CA ARG A 116 -13.39 -1.04 -12.00
C ARG A 116 -12.32 0.02 -12.24
N GLU A 117 -12.71 1.30 -12.19
CA GLU A 117 -11.75 2.41 -12.37
C GLU A 117 -10.64 2.38 -11.32
N PHE A 118 -11.03 2.25 -10.05
CA PHE A 118 -10.02 2.10 -9.00
C PHE A 118 -9.13 0.91 -9.28
N GLY A 119 -9.74 -0.22 -9.69
CA GLY A 119 -8.98 -1.40 -10.04
C GLY A 119 -7.99 -1.14 -11.16
N ILE A 120 -8.38 -0.34 -12.15
CA ILE A 120 -7.46 -0.03 -13.25
C ILE A 120 -6.30 0.80 -12.73
N ASP A 121 -6.55 1.77 -11.85
CA ASP A 121 -5.46 2.51 -11.23
C ASP A 121 -4.49 1.57 -10.54
N LEU A 122 -5.03 0.66 -9.70
CA LEU A 122 -4.16 -0.18 -8.87
C LEU A 122 -3.39 -1.17 -9.73
N ILE A 123 -4.07 -1.79 -10.70
CA ILE A 123 -3.36 -2.69 -11.62
C ILE A 123 -2.24 -1.95 -12.33
N SER A 124 -2.50 -0.72 -12.79
CA SER A 124 -1.48 -0.01 -13.55
C SER A 124 -0.26 0.29 -12.66
N GLY A 125 -0.50 0.74 -11.43
CA GLY A 125 0.62 0.95 -10.52
C GLY A 125 1.32 -0.34 -10.11
N LEU A 126 0.54 -1.39 -9.81
CA LEU A 126 1.14 -2.62 -9.28
C LEU A 126 1.90 -3.39 -10.36
N HIS A 127 1.36 -3.42 -11.59
CA HIS A 127 2.07 -4.05 -12.70
C HIS A 127 3.42 -3.39 -12.95
N HIS A 128 3.44 -2.05 -12.89
CA HIS A 128 4.70 -1.32 -13.04
C HIS A 128 5.69 -1.72 -11.96
N LEU A 129 5.24 -1.71 -10.71
CA LEU A 129 6.10 -2.13 -9.60
C LEU A 129 6.66 -3.54 -9.83
N HIS A 130 5.79 -4.49 -10.20
CA HIS A 130 6.24 -5.87 -10.41
C HIS A 130 7.20 -5.97 -11.60
N LYS A 131 6.95 -5.17 -12.64
CA LYS A 131 7.87 -5.16 -13.79
C LYS A 131 9.25 -4.68 -13.39
N LEU A 132 9.34 -3.77 -12.42
CA LEU A 132 10.60 -3.33 -11.85
C LEU A 132 11.16 -4.32 -10.83
N GLY A 133 10.44 -5.41 -10.56
CA GLY A 133 10.91 -6.36 -9.56
C GLY A 133 10.59 -5.99 -8.13
N ILE A 134 9.66 -5.06 -7.91
CA ILE A 134 9.32 -4.59 -6.58
C ILE A 134 7.97 -5.17 -6.17
N LEU A 135 7.92 -5.78 -4.99
CA LEU A 135 6.70 -6.25 -4.36
C LEU A 135 6.24 -5.23 -3.33
N PHE A 136 4.93 -4.93 -3.32
CA PHE A 136 4.44 -3.96 -2.34
C PHE A 136 4.27 -4.59 -0.95
N CYS A 137 3.87 -5.87 -0.88
CA CYS A 137 3.90 -6.70 0.31
C CYS A 137 2.81 -6.34 1.33
N ASP A 138 2.38 -5.08 1.39
CA ASP A 138 1.37 -4.64 2.32
C ASP A 138 0.28 -3.84 1.61
N ILE A 139 -0.19 -4.33 0.46
CA ILE A 139 -1.35 -3.71 -0.19
C ILE A 139 -2.50 -3.69 0.80
N SER A 140 -3.02 -2.50 1.06
CA SER A 140 -4.05 -2.24 2.07
C SER A 140 -4.63 -0.87 1.82
N PRO A 141 -5.90 -0.63 2.19
CA PRO A 141 -6.53 0.66 1.84
C PRO A 141 -5.86 1.86 2.49
N ARG A 142 -5.22 1.68 3.65
CA ARG A 142 -4.59 2.85 4.23
C ARG A 142 -3.29 3.24 3.51
N LYS A 143 -2.71 2.34 2.71
CA LYS A 143 -1.45 2.59 1.98
C LYS A 143 -1.70 2.92 0.52
N ILE A 144 -2.89 3.45 0.23
CA ILE A 144 -3.25 3.96 -1.07
C ILE A 144 -3.97 5.27 -0.84
N LEU A 145 -3.52 6.34 -1.52
CA LEU A 145 -4.11 7.65 -1.38
C LEU A 145 -4.63 8.13 -2.72
N LEU A 146 -5.65 8.98 -2.66
CA LEU A 146 -6.25 9.60 -3.84
C LEU A 146 -5.57 10.93 -4.11
N GLU A 147 -5.12 11.13 -5.36
CA GLU A 147 -4.34 12.32 -5.70
C GLU A 147 -5.16 13.59 -5.51
N GLY A 148 -6.33 13.61 -6.11
CA GLY A 148 -7.27 14.68 -5.91
C GLY A 148 -8.66 14.11 -6.02
N PRO A 149 -9.43 14.62 -6.98
CA PRO A 149 -10.76 14.03 -7.26
C PRO A 149 -10.70 12.57 -7.64
N GLY A 150 -9.60 12.11 -8.22
CA GLY A 150 -9.39 10.69 -8.49
C GLY A 150 -7.93 10.28 -8.42
N THR A 151 -7.60 9.25 -9.21
CA THR A 151 -6.27 8.66 -9.32
C THR A 151 -5.75 8.10 -8.01
N LEU A 152 -5.84 6.79 -7.87
CA LEU A 152 -5.27 6.06 -6.75
C LEU A 152 -3.76 5.94 -6.94
N LYS A 153 -3.02 6.17 -5.86
CA LYS A 153 -1.56 6.06 -5.86
C LYS A 153 -1.11 5.18 -4.70
N PHE A 154 -0.24 4.23 -4.97
CA PHE A 154 0.44 3.52 -3.89
C PHE A 154 1.33 4.51 -3.14
N SER A 155 1.14 4.62 -1.82
CA SER A 155 1.63 5.80 -1.10
C SER A 155 2.54 5.51 0.09
N ASN A 156 2.98 4.27 0.28
CA ASN A 156 3.85 3.99 1.43
C ASN A 156 4.67 2.76 1.10
N PHE A 157 5.99 2.92 1.04
CA PHE A 157 6.90 1.87 0.58
C PHE A 157 7.84 1.41 1.70
N CYS A 158 7.50 1.68 2.95
CA CYS A 158 8.33 1.22 4.07
C CYS A 158 8.52 -0.29 4.03
N LEU A 159 7.45 -1.04 3.76
CA LEU A 159 7.47 -2.49 3.84
C LEU A 159 7.61 -3.18 2.50
N ALA A 160 7.80 -2.41 1.43
CA ALA A 160 8.01 -2.97 0.10
C ALA A 160 9.43 -3.55 -0.03
N LYS A 161 9.64 -4.36 -1.06
CA LYS A 161 10.98 -4.94 -1.24
C LYS A 161 11.13 -5.48 -2.65
N VAL A 162 12.37 -5.78 -3.00
CA VAL A 162 12.67 -6.48 -4.25
C VAL A 162 12.31 -7.95 -4.09
N GLU A 163 11.77 -8.55 -5.16
CA GLU A 163 11.39 -9.96 -5.14
C GLU A 163 12.54 -10.80 -4.59
N GLY A 164 12.24 -11.64 -3.62
CA GLY A 164 13.24 -12.55 -3.10
C GLY A 164 14.19 -11.95 -2.09
N GLU A 165 14.02 -10.68 -1.74
CA GLU A 165 14.92 -9.99 -0.82
C GLU A 165 14.53 -10.29 0.63
N ASN A 166 15.54 -10.30 1.50
CA ASN A 166 15.33 -10.43 2.93
C ASN A 166 15.24 -9.02 3.50
N LEU A 167 14.01 -8.50 3.63
CA LEU A 167 13.85 -7.14 4.13
C LEU A 167 14.34 -7.00 5.57
N GLU A 168 14.15 -8.03 6.40
CA GLU A 168 14.71 -7.98 7.75
C GLU A 168 16.21 -7.67 7.72
N GLU A 169 16.95 -8.39 6.86
CA GLU A 169 18.39 -8.15 6.74
C GLU A 169 18.68 -6.74 6.23
N PHE A 170 17.89 -6.26 5.27
CA PHE A 170 18.08 -4.88 4.80
C PHE A 170 17.96 -3.89 5.94
N PHE A 171 16.88 -3.99 6.72
CA PHE A 171 16.68 -3.08 7.84
C PHE A 171 17.84 -3.14 8.83
N ALA A 172 18.31 -4.35 9.14
CA ALA A 172 19.43 -4.48 10.06
C ALA A 172 20.68 -3.83 9.51
N LEU A 173 20.88 -3.91 8.18
CA LEU A 173 22.06 -3.30 7.59
C LEU A 173 22.00 -1.78 7.71
N VAL A 174 20.84 -1.18 7.43
CA VAL A 174 20.70 0.26 7.59
C VAL A 174 21.00 0.66 9.03
N ALA A 175 20.43 -0.07 9.99
CA ALA A 175 20.64 0.25 11.40
C ALA A 175 22.11 0.15 11.75
N ALA A 176 22.78 -0.90 11.27
CA ALA A 176 24.18 -1.13 11.60
C ALA A 176 25.09 -0.02 11.07
N GLU A 177 24.86 0.46 9.84
CA GLU A 177 25.77 1.43 9.26
C GLU A 177 25.67 2.80 9.92
N GLU A 178 24.55 3.12 10.55
CA GLU A 178 24.39 4.43 11.19
C GLU A 178 25.00 4.44 12.58
N GLY A 179 24.92 3.31 13.28
CA GLY A 179 25.43 3.21 14.64
C GLY A 181 20.94 7.60 16.87
N ASP A 182 20.36 6.67 16.11
CA ASP A 182 18.95 6.77 15.72
C ASP A 182 18.01 6.33 16.84
N ASN A 183 18.46 5.43 17.71
CA ASN A 183 17.63 5.00 18.83
C ASN A 183 17.55 6.04 19.93
N GLY A 184 18.49 6.97 19.99
CA GLY A 184 18.53 7.91 21.10
C GLY A 184 18.74 7.14 22.40
N GLU A 185 17.93 7.46 23.41
CA GLU A 185 17.98 6.76 24.68
C GLU A 185 16.80 5.80 24.86
N ASN A 186 16.15 5.41 23.76
CA ASN A 186 15.03 4.49 23.82
C ASN A 186 15.53 3.06 24.03
N VAL A 187 14.87 2.33 24.93
CA VAL A 187 15.32 1.00 25.30
C VAL A 187 14.47 -0.10 24.70
N LEU A 188 13.40 0.25 23.99
CA LEU A 188 12.52 -0.79 23.44
C LEU A 188 13.27 -1.56 22.36
N LYS A 189 13.32 -2.88 22.52
CA LYS A 189 13.97 -3.75 21.56
C LYS A 189 12.91 -4.40 20.68
N LYS A 190 12.70 -3.83 19.49
CA LYS A 190 11.69 -4.28 18.56
C LYS A 190 12.34 -5.19 17.52
N SER A 191 11.85 -6.42 17.41
CA SER A 191 12.43 -7.39 16.50
C SER A 191 12.31 -6.92 15.05
N MET A 192 13.30 -7.29 14.23
CA MET A 192 13.26 -6.91 12.82
C MET A 192 12.07 -7.57 12.13
N LYS A 193 11.74 -8.81 12.55
CA LYS A 193 10.55 -9.48 12.06
C LYS A 193 9.30 -8.67 12.36
N SER A 194 9.28 -8.02 13.53
CA SER A 194 8.18 -7.16 13.90
C SER A 194 8.09 -5.95 12.98
N ARG A 195 9.24 -5.40 12.58
CA ARG A 195 9.21 -4.18 11.77
C ARG A 195 8.77 -4.43 10.33
N VAL A 196 9.01 -5.63 9.79
CA VAL A 196 8.58 -5.93 8.42
C VAL A 196 7.17 -6.51 8.37
N LYS A 197 6.50 -6.61 9.51
CA LYS A 197 5.16 -7.18 9.62
C LYS A 197 4.10 -6.24 9.05
N GLY A 198 3.21 -6.77 8.23
CA GLY A 198 2.15 -6.01 7.62
C GLY A 198 0.77 -6.31 8.19
N SER A 199 -0.25 -5.86 7.45
CA SER A 199 -1.63 -6.06 7.87
C SER A 199 -2.02 -7.53 7.70
N PRO A 200 -2.37 -8.23 8.78
CA PRO A 200 -2.82 -9.63 8.65
C PRO A 200 -4.10 -9.78 7.83
N VAL A 201 -4.93 -8.74 7.73
CA VAL A 201 -6.24 -8.89 7.08
C VAL A 201 -6.07 -9.21 5.60
N TYR A 202 -4.99 -8.72 4.99
CA TYR A 202 -4.76 -8.85 3.56
C TYR A 202 -3.60 -9.79 3.22
N THR A 203 -3.18 -10.63 4.17
CA THR A 203 -2.05 -11.54 3.93
C THR A 203 -2.52 -12.83 3.25
N ALA A 204 -1.88 -13.14 2.12
CA ALA A 204 -2.19 -14.34 1.36
C ALA A 204 -1.92 -15.60 2.20
N PRO A 205 -2.71 -16.66 2.00
CA PRO A 205 -2.61 -17.84 2.87
C PRO A 205 -1.25 -18.52 2.85
N GLU A 206 -0.57 -18.54 1.69
CA GLU A 206 0.75 -19.16 1.63
C GLU A 206 1.78 -18.36 2.43
N VAL A 207 1.59 -17.04 2.53
CA VAL A 207 2.46 -16.21 3.37
C VAL A 207 2.10 -16.39 4.84
N VAL A 208 0.80 -16.52 5.14
CA VAL A 208 0.38 -16.81 6.51
C VAL A 208 1.03 -18.09 7.00
N ARG A 209 1.18 -19.08 6.10
CA ARG A 209 1.81 -20.35 6.46
C ARG A 209 3.34 -20.31 6.38
N GLY A 210 3.94 -19.15 6.08
CA GLY A 210 5.38 -18.98 6.20
C GLY A 210 6.14 -18.73 4.92
N ALA A 211 5.48 -18.66 3.77
CA ALA A 211 6.23 -18.46 2.53
C ALA A 211 6.50 -16.97 2.31
N ASP A 212 7.51 -16.69 1.50
CA ASP A 212 7.87 -15.31 1.23
C ASP A 212 6.79 -14.64 0.40
N PHE A 213 6.77 -13.31 0.44
CA PHE A 213 5.93 -12.53 -0.46
C PHE A 213 6.33 -12.80 -1.91
N SER A 214 5.35 -12.66 -2.81
CA SER A 214 5.56 -12.94 -4.22
C SER A 214 4.64 -12.05 -5.04
N ILE A 215 4.83 -12.08 -6.35
CA ILE A 215 3.87 -11.41 -7.23
C ILE A 215 2.47 -11.94 -6.95
N SER A 216 2.36 -13.27 -6.73
CA SER A 216 1.04 -13.87 -6.56
C SER A 216 0.38 -13.43 -5.25
N SER A 217 1.17 -13.28 -4.18
CA SER A 217 0.56 -12.84 -2.93
C SER A 217 0.13 -11.38 -3.00
N ASP A 218 0.84 -10.53 -3.75
CA ASP A 218 0.34 -9.18 -3.99
C ASP A 218 -1.01 -9.22 -4.71
N LEU A 219 -1.16 -10.15 -5.66
CA LEU A 219 -2.41 -10.26 -6.40
C LEU A 219 -3.54 -10.72 -5.49
N TRP A 220 -3.25 -11.62 -4.54
CA TRP A 220 -4.22 -11.95 -3.52
C TRP A 220 -4.71 -10.70 -2.78
N SER A 221 -3.77 -9.88 -2.29
CA SER A 221 -4.15 -8.69 -1.55
C SER A 221 -4.95 -7.73 -2.44
N LEU A 222 -4.57 -7.63 -3.71
CA LEU A 222 -5.37 -6.83 -4.63
C LEU A 222 -6.81 -7.34 -4.66
N GLY A 223 -6.98 -8.67 -4.69
CA GLY A 223 -8.32 -9.24 -4.67
C GLY A 223 -9.09 -8.92 -3.39
N CYS A 224 -8.39 -8.90 -2.25
CA CYS A 224 -9.03 -8.45 -1.00
C CYS A 224 -9.53 -7.02 -1.12
N LEU A 225 -8.73 -6.15 -1.72
CA LEU A 225 -9.07 -4.74 -1.83
C LEU A 225 -10.30 -4.54 -2.70
N LEU A 226 -10.31 -5.13 -3.89
CA LEU A 226 -11.46 -5.01 -4.78
C LEU A 226 -12.72 -5.52 -4.10
N TYR A 227 -12.60 -6.66 -3.40
CA TYR A 227 -13.71 -7.19 -2.62
C TYR A 227 -14.20 -6.16 -1.62
N GLU A 228 -13.27 -5.55 -0.87
CA GLU A 228 -13.67 -4.60 0.16
C GLU A 228 -14.28 -3.33 -0.45
N MET A 229 -13.72 -2.85 -1.56
CA MET A 229 -14.29 -1.67 -2.22
C MET A 229 -15.75 -1.85 -2.54
N PHE A 230 -16.12 -3.04 -3.01
CA PHE A 230 -17.49 -3.28 -3.44
C PHE A 230 -18.40 -3.56 -2.26
N SER A 231 -17.95 -4.38 -1.31
CA SER A 231 -18.82 -4.89 -0.27
C SER A 231 -18.76 -4.09 1.02
N GLY A 232 -17.81 -3.18 1.17
CA GLY A 232 -17.67 -2.43 2.39
C GLY A 232 -16.85 -3.13 3.47
N LYS A 233 -16.47 -4.39 3.27
CA LYS A 233 -15.69 -5.11 4.27
C LYS A 233 -14.71 -6.05 3.61
N PRO A 234 -13.52 -6.23 4.19
CA PRO A 234 -12.57 -7.21 3.65
C PRO A 234 -13.18 -8.61 3.67
N PRO A 235 -12.70 -9.51 2.80
CA PRO A 235 -13.31 -10.85 2.74
C PRO A 235 -13.05 -11.68 3.99
N PHE A 236 -11.95 -11.44 4.68
CA PHE A 236 -11.61 -12.19 5.90
C PHE A 236 -11.35 -11.16 6.98
N PHE A 237 -12.12 -11.21 8.06
CA PHE A 237 -11.98 -10.20 9.09
C PHE A 237 -12.35 -10.80 10.44
N SER A 238 -11.53 -10.49 11.44
CA SER A 238 -11.84 -10.73 12.83
C SER A 238 -10.87 -9.89 13.67
N GLU A 239 -11.35 -9.40 14.82
CA GLU A 239 -10.44 -8.77 15.76
C GLU A 239 -9.46 -9.77 16.34
N SER A 240 -9.76 -11.07 16.24
CA SER A 240 -8.92 -12.12 16.79
C SER A 240 -7.91 -12.59 15.75
N ILE A 241 -6.61 -12.46 16.06
CA ILE A 241 -5.58 -12.83 15.11
C ILE A 241 -5.66 -14.32 14.77
N SER A 242 -5.99 -15.17 15.75
CA SER A 242 -6.09 -16.59 15.48
C SER A 242 -7.35 -16.93 14.70
N GLU A 243 -8.46 -16.25 15.00
CA GLU A 243 -9.67 -16.43 14.19
C GLU A 243 -9.44 -15.93 12.76
N LEU A 244 -8.69 -14.83 12.61
CA LEU A 244 -8.44 -14.28 11.27
C LEU A 244 -7.62 -15.25 10.43
N THR A 245 -6.59 -15.86 11.02
CA THR A 245 -5.77 -16.83 10.28
C THR A 245 -6.60 -18.04 9.84
N GLU A 246 -7.44 -18.58 10.73
CA GLU A 246 -8.29 -19.70 10.36
C GLU A 246 -9.21 -19.34 9.19
N LYS A 247 -9.80 -18.13 9.22
CA LYS A 247 -10.63 -17.68 8.11
C LYS A 247 -9.83 -17.66 6.81
N ILE A 248 -8.62 -17.09 6.86
CA ILE A 248 -7.83 -16.95 5.64
C ILE A 248 -7.44 -18.31 5.10
N LEU A 249 -7.11 -19.24 6.00
CA LEU A 249 -6.61 -20.55 5.61
C LEU A 249 -7.71 -21.54 5.26
N CYS A 250 -8.91 -21.42 5.84
CA CYS A 250 -9.90 -22.49 5.78
C CYS A 250 -11.30 -22.12 5.31
N GLU A 251 -11.60 -20.85 5.05
CA GLU A 251 -12.98 -20.45 4.80
C GLU A 251 -13.08 -19.71 3.47
N ASP A 252 -13.93 -20.22 2.58
CA ASP A 252 -14.25 -19.50 1.36
C ASP A 252 -14.93 -18.18 1.72
N PRO A 253 -14.57 -17.08 1.06
CA PRO A 253 -15.24 -15.81 1.36
C PRO A 253 -16.68 -15.83 0.86
N LEU A 254 -17.54 -15.14 1.60
CA LEU A 254 -18.94 -15.01 1.21
C LEU A 254 -19.04 -14.18 -0.09
N PRO A 255 -20.06 -14.42 -0.90
CA PRO A 255 -20.28 -13.59 -2.09
C PRO A 255 -20.30 -12.12 -1.73
N PRO A 256 -19.60 -11.28 -2.48
CA PRO A 256 -19.57 -9.84 -2.16
C PRO A 256 -20.93 -9.20 -2.42
N ILE A 257 -21.49 -8.61 -1.36
CA ILE A 257 -22.79 -7.95 -1.42
C ILE A 257 -22.57 -6.50 -0.98
N PRO A 258 -23.23 -5.52 -1.58
CA PRO A 258 -23.18 -4.16 -1.02
C PRO A 258 -23.74 -4.18 0.39
N LYS A 259 -23.12 -3.39 1.27
CA LYS A 259 -23.60 -3.28 2.65
C LYS A 259 -25.09 -2.99 2.69
N ASP A 260 -25.54 -2.03 1.88
CA ASP A 260 -26.95 -1.75 1.68
C ASP A 260 -27.45 -2.67 0.57
N SER A 261 -28.28 -3.65 0.95
CA SER A 261 -28.70 -4.71 0.03
C SER A 261 -29.62 -4.22 -1.08
N SER A 262 -30.05 -2.96 -1.03
CA SER A 262 -30.90 -2.41 -2.08
C SER A 262 -30.11 -1.97 -3.31
N ARG A 263 -28.79 -1.90 -3.23
CA ARG A 263 -27.96 -1.43 -4.33
C ARG A 263 -27.60 -2.58 -5.26
N PRO A 264 -27.10 -2.30 -6.47
CA PRO A 264 -26.90 -3.37 -7.46
C PRO A 264 -25.96 -4.46 -6.99
N LYS A 265 -26.32 -5.71 -7.34
CA LYS A 265 -25.48 -6.85 -7.06
C LYS A 265 -24.25 -6.85 -7.96
N ALA A 266 -23.26 -7.65 -7.59
CA ALA A 266 -22.04 -7.75 -8.39
C ALA A 266 -22.31 -8.48 -9.69
N SER A 267 -21.69 -8.01 -10.76
CA SER A 267 -21.78 -8.71 -12.05
C SER A 267 -21.11 -10.08 -11.95
N SER A 268 -21.46 -10.96 -12.89
CA SER A 268 -20.78 -12.26 -12.90
C SER A 268 -19.32 -12.11 -13.26
N ASP A 269 -18.96 -11.12 -14.08
CA ASP A 269 -17.55 -10.87 -14.37
C ASP A 269 -16.80 -10.46 -13.11
N PHE A 270 -17.38 -9.57 -12.30
CA PHE A 270 -16.71 -9.19 -11.06
C PHE A 270 -16.52 -10.40 -10.16
N ILE A 271 -17.56 -11.23 -10.01
CA ILE A 271 -17.48 -12.41 -9.16
C ILE A 271 -16.38 -13.34 -9.64
N ASN A 272 -16.30 -13.56 -10.96
CA ASN A 272 -15.29 -14.46 -11.51
C ASN A 272 -13.89 -13.94 -11.22
N LEU A 273 -13.68 -12.64 -11.40
CA LEU A 273 -12.37 -12.03 -11.12
C LEU A 273 -11.95 -12.25 -9.68
N LEU A 274 -12.87 -12.01 -8.73
CA LEU A 274 -12.55 -12.23 -7.32
C LEU A 274 -12.26 -13.70 -7.02
N ASP A 275 -12.92 -14.63 -7.73
CA ASP A 275 -12.65 -16.05 -7.52
C ASP A 275 -11.25 -16.42 -7.99
N GLY A 276 -10.78 -15.82 -9.08
CA GLY A 276 -9.42 -16.08 -9.54
C GLY A 276 -8.36 -15.47 -8.65
N LEU A 277 -8.67 -14.33 -8.01
CA LEU A 277 -7.69 -13.63 -7.18
C LEU A 277 -7.65 -14.17 -5.76
N LEU A 278 -8.76 -14.73 -5.28
CA LEU A 278 -8.86 -15.23 -3.91
C LEU A 278 -8.74 -16.75 -3.84
N GLN A 279 -8.10 -17.35 -4.84
CA GLN A 279 -7.64 -18.73 -4.74
C GLN A 279 -6.62 -18.87 -3.61
N ARG A 280 -6.89 -19.79 -2.67
CA ARG A 280 -5.97 -20.03 -1.57
C ARG A 280 -4.64 -20.61 -2.08
N ASP A 281 -4.71 -21.51 -3.05
CA ASP A 281 -3.49 -22.07 -3.64
C ASP A 281 -2.91 -21.06 -4.62
N PRO A 282 -1.68 -20.57 -4.40
CA PRO A 282 -1.11 -19.59 -5.33
C PRO A 282 -0.92 -20.13 -6.75
N GLN A 283 -0.71 -21.44 -6.90
CA GLN A 283 -0.57 -22.00 -8.24
C GLN A 283 -1.87 -21.92 -9.02
N LYS A 284 -3.01 -21.76 -8.34
CA LYS A 284 -4.29 -21.62 -9.00
C LYS A 284 -4.72 -20.17 -9.15
N ARG A 285 -4.07 -19.25 -8.46
CA ARG A 285 -4.43 -17.85 -8.53
C ARG A 285 -4.15 -17.29 -9.92
N LEU A 286 -4.92 -16.27 -10.31
CA LEU A 286 -4.66 -15.59 -11.57
C LEU A 286 -3.24 -15.06 -11.61
N THR A 287 -2.57 -15.24 -12.75
CA THR A 287 -1.33 -14.56 -13.05
C THR A 287 -1.60 -13.31 -13.89
N TRP A 288 -0.55 -12.51 -14.12
CA TRP A 288 -0.74 -11.19 -14.69
C TRP A 288 -1.45 -11.24 -16.04
N THR A 289 -0.98 -12.06 -16.97
CA THR A 289 -1.56 -12.04 -18.32
C THR A 289 -3.05 -12.36 -18.27
N ARG A 290 -3.42 -13.43 -17.56
CA ARG A 290 -4.84 -13.75 -17.41
C ARG A 290 -5.58 -12.63 -16.70
N LEU A 291 -4.97 -12.04 -15.66
CA LEU A 291 -5.60 -10.93 -14.94
C LEU A 291 -5.89 -9.75 -15.87
N LEU A 292 -4.90 -9.33 -16.68
CA LEU A 292 -5.08 -8.18 -17.55
C LEU A 292 -6.14 -8.44 -18.61
N GLN A 293 -6.26 -9.68 -19.05
CA GLN A 293 -7.21 -10.03 -20.09
C GLN A 293 -8.60 -10.36 -19.57
N HIS A 294 -8.83 -10.20 -18.27
CA HIS A 294 -10.13 -10.57 -17.71
C HIS A 294 -11.23 -9.63 -18.22
N SER A 295 -12.43 -10.19 -18.43
CA SER A 295 -13.53 -9.42 -19.00
C SER A 295 -14.01 -8.30 -18.09
N PHE A 296 -13.76 -8.39 -16.78
CA PHE A 296 -14.16 -7.29 -15.90
C PHE A 296 -13.58 -5.97 -16.37
N TRP A 297 -12.41 -5.99 -17.00
CA TRP A 297 -11.73 -4.77 -17.41
C TRP A 297 -12.27 -4.19 -18.72
N LYS A 298 -13.10 -4.93 -19.45
CA LYS A 298 -13.73 -4.41 -20.66
C LYS A 298 -12.69 -3.88 -21.64
N LYS A 299 -11.63 -4.67 -21.84
CA LYS A 299 -10.56 -4.43 -22.82
C LYS A 299 -9.68 -3.24 -22.47
N ALA A 300 -9.65 -2.83 -21.20
CA ALA A 300 -8.86 -1.66 -20.81
C ALA A 300 -7.38 -1.89 -21.06
N PHE A 301 -6.91 -3.13 -21.02
CA PHE A 301 -5.50 -3.46 -21.16
C PHE A 301 -5.19 -4.14 -22.50
N ALA A 302 -6.05 -3.95 -23.50
CA ALA A 302 -5.89 -4.58 -24.81
C ALA A 302 -4.58 -4.22 -25.50
#